data_9CPG
#
_entry.id   9CPG
#
_cell.length_a   1
_cell.length_b   1
_cell.length_c   1
_cell.angle_alpha   90
_cell.angle_beta   90
_cell.angle_gamma   90
#
loop_
_entity.id
_entity.type
_entity.pdbx_description
1 polymer "RNA (5'-R(*GP*AP*CP*AP*GP*CP*UP*GP*CP*UP*GP*UP*C)-3')"
2 non-polymer '4-carbamimidamidophenyl 4-carbamimidamidobenzoate'
#
_entity_poly.entity_id   1
_entity_poly.type   'polyribonucleotide'
_entity_poly.pdbx_seq_one_letter_code
;GACAGCUGCUGUC
;
_entity_poly.pdbx_strand_id   A,B
#